data_7MZO
#
_entry.id   7MZO
#
_cell.length_a   77.390
_cell.length_b   77.390
_cell.length_c   70.910
_cell.angle_alpha   90.000
_cell.angle_beta   90.000
_cell.angle_gamma   90.000
#
_symmetry.space_group_name_H-M   'I 4'
#
loop_
_entity.id
_entity.type
_entity.pdbx_description
1 polymer 'Fimbrial adhesin UcaD'
2 non-polymer 'CHLORIDE ION'
3 water water
#
_entity_poly.entity_id   1
_entity_poly.type   'polypeptide(L)'
_entity_poly.pdbx_seq_one_letter_code
;MGANDYVPSPITINTSTLPVVVIGPADAHTYPRVIGELTGTSNQYIFNGGSLIALMRGKFTPTLPKIGKITYNFRQGNNT
QSSDFDIFDTGVPGLGIIIGMAGYWPATPLVPINSSSIYIDPVAANTNPNAYNGATGSFGARLYVAFVATGRLPNGYVTI
PTKQLGHILLESNRASLNNKRLTAPVMLNGGRIQVQSLEHHHHHH
;
_entity_poly.pdbx_strand_id   A
#
loop_
_chem_comp.id
_chem_comp.type
_chem_comp.name
_chem_comp.formula
CL non-polymer 'CHLORIDE ION' 'Cl -1'
#
# COMPACT_ATOMS: atom_id res chain seq x y z
N GLY A 2 -25.38 0.31 14.77
CA GLY A 2 -24.67 -0.03 15.99
C GLY A 2 -23.43 0.80 16.24
N ALA A 3 -23.10 0.99 17.53
CA ALA A 3 -21.94 1.79 17.90
C ALA A 3 -20.70 1.33 17.18
N ASN A 4 -20.52 0.01 17.07
CA ASN A 4 -19.29 -0.56 16.51
C ASN A 4 -19.50 -1.20 15.14
N ASP A 5 -20.58 -0.84 14.45
CA ASP A 5 -20.94 -1.48 13.19
C ASP A 5 -20.13 -0.90 12.04
N TYR A 6 -18.81 -0.83 12.23
CA TYR A 6 -17.88 -0.49 11.16
C TYR A 6 -17.73 -1.67 10.22
N VAL A 7 -17.64 -1.37 8.93
CA VAL A 7 -17.46 -2.41 7.92
C VAL A 7 -16.26 -2.03 7.06
N PRO A 8 -15.59 -3.01 6.48
CA PRO A 8 -14.43 -2.74 5.63
C PRO A 8 -14.82 -2.53 4.18
N SER A 9 -13.97 -1.78 3.47
CA SER A 9 -14.02 -1.65 2.03
C SER A 9 -12.58 -1.67 1.54
N PRO A 10 -12.33 -2.23 0.36
CA PRO A 10 -10.96 -2.29 -0.15
C PRO A 10 -10.43 -0.92 -0.54
N ILE A 11 -9.11 -0.82 -0.60
CA ILE A 11 -8.44 0.26 -1.30
C ILE A 11 -7.62 -0.37 -2.43
N THR A 12 -7.67 0.24 -3.61
CA THR A 12 -7.21 -0.36 -4.85
C THR A 12 -6.36 0.65 -5.60
N ILE A 13 -5.32 0.15 -6.27
CA ILE A 13 -4.50 0.95 -7.17
C ILE A 13 -4.39 0.20 -8.50
N ASN A 14 -4.19 0.94 -9.60
CA ASN A 14 -4.38 0.41 -10.95
C ASN A 14 -3.09 0.24 -11.72
N THR A 15 -2.78 -1.01 -12.08
CA THR A 15 -1.68 -1.32 -12.99
C THR A 15 -1.77 -0.49 -14.26
N SER A 16 -2.98 -0.22 -14.74
CA SER A 16 -3.17 0.48 -15.99
C SER A 16 -2.61 1.89 -16.00
N THR A 17 -2.23 2.46 -14.86
CA THR A 17 -1.63 3.78 -14.87
C THR A 17 -0.11 3.76 -14.99
N LEU A 18 0.50 2.59 -15.14
CA LEU A 18 1.95 2.59 -15.39
C LEU A 18 2.22 3.06 -16.81
N PRO A 19 3.04 4.11 -17.01
CA PRO A 19 3.38 4.51 -18.37
C PRO A 19 4.18 3.43 -19.07
N VAL A 20 4.25 3.54 -20.40
CA VAL A 20 5.10 2.66 -21.18
C VAL A 20 6.49 2.64 -20.59
N VAL A 21 7.08 1.45 -20.51
CA VAL A 21 8.43 1.26 -19.95
C VAL A 21 9.38 1.20 -21.14
N VAL A 22 10.17 2.25 -21.35
CA VAL A 22 11.13 2.30 -22.45
C VAL A 22 12.50 1.97 -21.91
N ILE A 23 13.15 0.95 -22.48
CA ILE A 23 14.44 0.49 -21.99
C ILE A 23 15.50 0.81 -23.04
N GLY A 24 16.47 1.59 -22.64
CA GLY A 24 17.57 1.98 -23.52
C GLY A 24 18.74 1.02 -23.51
N HIS A 29 20.99 -4.97 -18.31
CA HIS A 29 20.62 -3.75 -17.61
C HIS A 29 20.75 -3.94 -16.11
N THR A 30 20.19 -3.01 -15.34
CA THR A 30 20.42 -2.94 -13.90
C THR A 30 19.19 -3.48 -13.17
N TYR A 31 19.43 -4.41 -12.24
CA TYR A 31 18.37 -4.97 -11.41
C TYR A 31 18.79 -4.89 -9.94
N PRO A 32 17.85 -4.58 -9.03
CA PRO A 32 16.48 -4.13 -9.30
C PRO A 32 16.48 -2.66 -9.69
N ARG A 33 15.44 -2.22 -10.40
CA ARG A 33 15.29 -0.79 -10.62
C ARG A 33 13.80 -0.50 -10.75
N VAL A 34 13.40 0.68 -10.28
CA VAL A 34 12.02 1.11 -10.44
C VAL A 34 11.80 1.53 -11.89
N ILE A 35 10.72 1.02 -12.50
CA ILE A 35 10.41 1.28 -13.90
C ILE A 35 9.22 2.21 -14.07
N GLY A 36 8.56 2.60 -12.99
CA GLY A 36 7.54 3.62 -13.02
C GLY A 36 6.66 3.51 -11.81
N GLU A 37 5.96 4.61 -11.55
CA GLU A 37 5.00 4.69 -10.47
C GLU A 37 3.59 4.58 -11.01
N LEU A 38 2.72 3.91 -10.26
CA LEU A 38 1.30 4.00 -10.52
C LEU A 38 0.77 5.31 -9.97
N THR A 39 -0.39 5.71 -10.47
CA THR A 39 -1.08 6.87 -9.90
C THR A 39 -1.61 6.56 -8.50
N GLY A 40 -1.17 7.31 -7.50
CA GLY A 40 -1.60 7.03 -6.15
C GLY A 40 -3.11 7.18 -6.02
N THR A 41 -3.67 6.38 -5.12
CA THR A 41 -5.10 6.36 -4.88
C THR A 41 -5.37 6.54 -3.40
N SER A 42 -6.63 6.84 -3.08
CA SER A 42 -7.01 7.07 -1.70
C SER A 42 -8.46 6.65 -1.50
N ASN A 43 -8.75 6.22 -0.27
CA ASN A 43 -10.09 5.84 0.14
C ASN A 43 -10.30 6.35 1.55
N GLN A 44 -11.24 7.28 1.71
CA GLN A 44 -11.50 7.87 3.02
C GLN A 44 -12.22 6.90 3.95
N TYR A 45 -12.85 5.89 3.40
CA TYR A 45 -13.80 5.04 4.12
C TYR A 45 -13.43 3.58 4.01
N ILE A 46 -12.16 3.27 4.28
CA ILE A 46 -11.74 1.87 4.35
C ILE A 46 -12.48 1.17 5.49
N PHE A 47 -12.65 1.85 6.63
CA PHE A 47 -13.54 1.34 7.68
C PHE A 47 -14.52 2.45 8.00
N ASN A 48 -15.82 2.15 7.94
CA ASN A 48 -16.84 3.17 8.14
C ASN A 48 -18.12 2.47 8.57
N GLY A 49 -18.98 3.20 9.30
CA GLY A 49 -20.34 2.73 9.52
C GLY A 49 -20.83 2.66 10.95
N GLY A 50 -19.92 2.64 11.92
CA GLY A 50 -20.32 2.61 13.31
C GLY A 50 -20.90 3.94 13.74
N SER A 51 -21.85 3.90 14.67
CA SER A 51 -22.50 5.14 15.06
C SER A 51 -21.73 5.90 16.12
N LEU A 52 -20.80 5.24 16.83
CA LEU A 52 -19.98 5.86 17.85
C LEU A 52 -18.58 6.11 17.29
N ILE A 53 -18.14 7.37 17.33
CA ILE A 53 -16.77 7.72 16.95
C ILE A 53 -15.78 6.88 17.72
N ALA A 54 -14.59 6.66 17.13
CA ALA A 54 -13.57 5.83 17.75
C ALA A 54 -12.19 6.34 17.36
N LEU A 55 -11.24 6.13 18.25
CA LEU A 55 -9.82 6.26 17.92
C LEU A 55 -9.39 4.98 17.27
N MET A 56 -8.85 5.08 16.06
CA MET A 56 -8.56 3.92 15.24
C MET A 56 -7.17 4.04 14.63
N ARG A 57 -6.64 2.90 14.24
CA ARG A 57 -5.39 2.91 13.49
C ARG A 57 -5.40 1.72 12.56
N GLY A 58 -4.53 1.76 11.58
CA GLY A 58 -4.52 0.72 10.57
C GLY A 58 -3.17 0.05 10.51
N LYS A 59 -3.17 -1.26 10.68
CA LYS A 59 -1.95 -2.06 10.59
C LYS A 59 -1.97 -2.80 9.27
N PHE A 60 -0.99 -2.49 8.42
CA PHE A 60 -0.88 -3.13 7.13
C PHE A 60 0.08 -4.32 7.20
N THR A 61 -0.38 -5.48 6.74
CA THR A 61 0.46 -6.68 6.62
C THR A 61 0.51 -7.04 5.14
N PRO A 62 1.66 -6.93 4.47
CA PRO A 62 1.74 -7.40 3.08
C PRO A 62 1.70 -8.91 3.06
N THR A 63 1.08 -9.47 2.02
CA THR A 63 0.93 -10.91 1.96
C THR A 63 1.45 -11.50 0.65
N LEU A 64 2.18 -10.71 -0.17
CA LEU A 64 2.93 -11.29 -1.29
C LEU A 64 4.35 -11.64 -0.86
N PRO A 65 5.02 -12.50 -1.62
CA PRO A 65 6.39 -12.88 -1.26
C PRO A 65 7.33 -11.69 -1.33
N LYS A 66 8.20 -11.58 -0.33
CA LYS A 66 9.19 -10.52 -0.30
C LYS A 66 10.46 -11.03 -0.93
N ILE A 67 10.87 -10.41 -2.03
CA ILE A 67 12.04 -10.85 -2.81
C ILE A 67 13.33 -10.26 -2.27
N GLY A 68 13.29 -9.00 -1.87
CA GLY A 68 14.44 -8.28 -1.39
C GLY A 68 14.06 -6.83 -1.16
N LYS A 69 15.05 -5.97 -1.01
CA LYS A 69 14.84 -4.55 -0.80
C LYS A 69 15.42 -3.69 -1.92
N ILE A 70 14.86 -2.50 -2.09
CA ILE A 70 15.40 -1.49 -2.97
C ILE A 70 15.26 -0.14 -2.32
N THR A 71 16.27 0.70 -2.51
CA THR A 71 16.22 2.08 -2.05
C THR A 71 15.52 2.95 -3.09
N TYR A 72 14.60 3.78 -2.61
CA TYR A 72 13.79 4.59 -3.52
C TYR A 72 13.21 5.78 -2.78
N ASN A 73 12.84 6.78 -3.57
CA ASN A 73 12.11 7.95 -3.08
C ASN A 73 10.98 8.24 -4.05
N PHE A 74 9.74 8.02 -3.62
CA PHE A 74 8.60 8.25 -4.49
C PHE A 74 8.57 9.70 -4.96
N ARG A 75 8.28 9.87 -6.24
CA ARG A 75 8.08 11.22 -6.76
C ARG A 75 6.81 11.81 -6.15
N GLN A 76 5.76 11.00 -6.04
CA GLN A 76 4.56 11.33 -5.28
C GLN A 76 4.88 11.29 -3.78
N GLY A 77 3.98 11.84 -2.99
CA GLY A 77 4.26 12.00 -1.58
C GLY A 77 5.35 13.05 -1.40
N ASN A 78 5.72 13.26 -0.13
CA ASN A 78 6.55 14.40 0.19
C ASN A 78 7.78 14.03 1.01
N ASN A 79 8.22 12.77 0.97
CA ASN A 79 9.45 12.42 1.65
C ASN A 79 10.62 13.05 0.90
N THR A 80 11.59 13.54 1.65
CA THR A 80 12.73 14.24 1.06
C THR A 80 13.98 13.40 1.07
N GLN A 81 13.90 12.15 1.53
CA GLN A 81 15.03 11.25 1.41
C GLN A 81 14.53 9.87 1.03
N SER A 82 15.46 9.08 0.49
CA SER A 82 15.18 7.72 0.09
C SER A 82 14.93 6.86 1.32
N SER A 83 14.20 5.77 1.08
CA SER A 83 13.98 4.74 2.07
C SER A 83 14.16 3.39 1.41
N ASP A 84 14.42 2.39 2.24
CA ASP A 84 14.35 1.01 1.79
C ASP A 84 12.90 0.60 1.71
N PHE A 85 12.56 -0.04 0.59
CA PHE A 85 11.26 -0.65 0.36
C PHE A 85 11.43 -2.15 0.12
N ASP A 86 10.52 -2.94 0.68
CA ASP A 86 10.47 -4.36 0.35
C ASP A 86 9.91 -4.53 -1.06
N ILE A 87 10.59 -5.34 -1.87
CA ILE A 87 10.11 -5.67 -3.20
C ILE A 87 9.22 -6.91 -3.09
N PHE A 88 7.97 -6.79 -3.53
CA PHE A 88 7.05 -7.91 -3.47
C PHE A 88 6.84 -8.53 -4.85
N ASP A 89 6.70 -9.84 -4.87
CA ASP A 89 6.57 -10.57 -6.13
C ASP A 89 5.15 -10.45 -6.67
N THR A 90 4.97 -9.83 -7.84
CA THR A 90 3.69 -9.87 -8.52
C THR A 90 3.33 -11.26 -8.98
N GLY A 91 4.31 -12.13 -9.08
CA GLY A 91 4.14 -13.44 -9.65
C GLY A 91 4.58 -13.52 -11.09
N VAL A 92 4.64 -12.37 -11.76
CA VAL A 92 5.10 -12.28 -13.15
C VAL A 92 6.62 -12.18 -13.11
N PRO A 93 7.36 -13.09 -13.73
CA PRO A 93 8.82 -13.03 -13.63
C PRO A 93 9.34 -11.71 -14.13
N GLY A 94 10.34 -11.19 -13.45
CA GLY A 94 10.94 -9.94 -13.80
C GLY A 94 10.27 -8.71 -13.25
N LEU A 95 9.07 -8.86 -12.64
CA LEU A 95 8.27 -7.71 -12.21
C LEU A 95 7.90 -7.85 -10.74
N GLY A 96 8.36 -6.89 -9.93
CA GLY A 96 7.91 -6.73 -8.58
C GLY A 96 7.26 -5.38 -8.40
N ILE A 97 6.77 -5.15 -7.19
CA ILE A 97 6.25 -3.83 -6.84
C ILE A 97 6.81 -3.46 -5.46
N ILE A 98 6.89 -2.17 -5.23
CA ILE A 98 7.12 -1.62 -3.89
C ILE A 98 5.90 -0.80 -3.53
N ILE A 99 5.67 -0.69 -2.22
CA ILE A 99 4.45 -0.09 -1.67
C ILE A 99 4.77 1.00 -0.67
N GLY A 100 4.01 2.08 -0.73
CA GLY A 100 3.94 3.03 0.37
C GLY A 100 2.49 3.30 0.71
N MET A 101 2.22 3.56 1.98
CA MET A 101 0.87 3.89 2.38
C MET A 101 0.90 5.03 3.37
N ALA A 102 -0.20 5.76 3.45
CA ALA A 102 -0.25 6.91 4.33
C ALA A 102 -1.66 7.04 4.88
N GLY A 103 -1.78 7.81 5.94
CA GLY A 103 -3.09 8.28 6.33
C GLY A 103 -3.80 9.02 5.21
N TYR A 104 -5.10 9.18 5.39
CA TYR A 104 -5.89 9.72 4.30
C TYR A 104 -5.55 11.19 4.06
N TRP A 105 -5.36 11.93 5.13
CA TRP A 105 -5.19 13.37 5.00
C TRP A 105 -3.76 13.69 4.58
N PRO A 106 -3.59 14.71 3.74
CA PRO A 106 -2.30 14.86 3.01
C PRO A 106 -1.13 15.20 3.91
N ALA A 107 -1.36 15.70 5.13
CA ALA A 107 -0.23 16.02 5.98
C ALA A 107 0.50 14.77 6.46
N THR A 108 -0.17 13.61 6.52
CA THR A 108 0.47 12.41 7.03
C THR A 108 1.47 11.87 6.01
N PRO A 109 2.55 11.26 6.48
CA PRO A 109 3.62 10.87 5.55
C PRO A 109 3.38 9.54 4.86
N LEU A 110 3.96 9.44 3.67
CA LEU A 110 4.11 8.15 3.02
C LEU A 110 5.02 7.27 3.87
N VAL A 111 4.51 6.10 4.22
CA VAL A 111 5.20 5.12 5.04
C VAL A 111 5.71 4.02 4.11
N PRO A 112 7.01 3.88 3.91
CA PRO A 112 7.51 2.74 3.14
C PRO A 112 7.15 1.43 3.80
N ILE A 113 6.71 0.48 2.98
CA ILE A 113 6.42 -0.87 3.47
C ILE A 113 7.73 -1.65 3.41
N ASN A 114 8.35 -1.82 4.57
CA ASN A 114 9.64 -2.49 4.62
C ASN A 114 9.76 -3.34 5.88
N SER A 115 8.62 -3.75 6.43
CA SER A 115 8.56 -4.58 7.62
C SER A 115 7.46 -5.61 7.39
N SER A 116 7.43 -6.66 8.21
CA SER A 116 6.40 -7.68 8.03
C SER A 116 5.00 -7.16 8.33
N SER A 117 4.91 -6.12 9.17
CA SER A 117 3.67 -5.38 9.35
C SER A 117 4.07 -3.97 9.78
N ILE A 118 3.19 -3.01 9.55
CA ILE A 118 3.50 -1.64 9.91
C ILE A 118 2.21 -0.88 10.06
N TYR A 119 2.19 0.08 10.97
CA TYR A 119 1.07 1.00 11.08
C TYR A 119 1.24 2.10 10.03
N ILE A 120 0.28 2.19 9.12
CA ILE A 120 0.33 3.20 8.08
C ILE A 120 -0.21 4.53 8.57
N ASP A 121 -1.00 4.52 9.66
CA ASP A 121 -1.57 5.74 10.24
C ASP A 121 -2.16 5.37 11.60
N PRO A 122 -1.77 6.05 12.69
CA PRO A 122 -0.73 7.09 12.74
C PRO A 122 0.65 6.45 12.75
N VAL A 123 1.64 7.05 12.08
CA VAL A 123 2.97 6.48 12.14
C VAL A 123 3.49 6.47 13.57
N ALA A 124 2.98 7.33 14.44
CA ALA A 124 3.39 7.27 15.84
C ALA A 124 3.20 5.87 16.43
N ALA A 125 2.23 5.11 15.92
CA ALA A 125 1.96 3.81 16.50
C ALA A 125 3.07 2.79 16.24
N ASN A 126 3.97 3.06 15.30
CA ASN A 126 5.05 2.11 15.08
C ASN A 126 6.05 2.10 16.23
N THR A 127 6.09 3.16 17.04
CA THR A 127 6.95 3.20 18.21
C THR A 127 6.18 3.45 19.50
N ASN A 128 4.87 3.68 19.44
CA ASN A 128 4.06 3.86 20.63
C ASN A 128 2.84 2.95 20.50
N PRO A 129 2.77 1.85 21.25
CA PRO A 129 1.65 0.91 21.06
C PRO A 129 0.32 1.45 21.53
N ASN A 130 0.29 2.63 22.15
CA ASN A 130 -0.96 3.22 22.62
C ASN A 130 -1.43 4.40 21.78
N ALA A 131 -0.82 4.62 20.61
CA ALA A 131 -1.13 5.74 19.73
C ALA A 131 -2.15 5.34 18.68
N TYR A 132 -3.14 6.20 18.47
CA TYR A 132 -4.22 5.99 17.53
C TYR A 132 -4.49 7.31 16.82
N ASN A 133 -5.26 7.25 15.74
CA ASN A 133 -5.77 8.46 15.13
C ASN A 133 -6.74 9.17 16.07
N GLY A 134 -6.84 10.48 15.91
CA GLY A 134 -7.89 11.23 16.57
C GLY A 134 -9.27 10.66 16.30
N ALA A 135 -10.14 10.78 17.30
CA ALA A 135 -11.45 10.16 17.20
C ALA A 135 -12.25 10.73 16.03
N THR A 136 -12.90 9.83 15.32
CA THR A 136 -13.73 10.16 14.18
C THR A 136 -14.53 8.92 13.81
N GLY A 137 -15.30 9.05 12.74
CA GLY A 137 -16.22 8.00 12.35
C GLY A 137 -15.75 7.16 11.19
N SER A 138 -14.49 7.28 10.76
CA SER A 138 -14.02 6.49 9.65
C SER A 138 -12.51 6.40 9.72
N PHE A 139 -11.97 5.43 8.99
CA PHE A 139 -10.53 5.28 8.80
C PHE A 139 -10.26 5.11 7.32
N GLY A 140 -9.35 5.91 6.77
CA GLY A 140 -9.02 5.84 5.37
C GLY A 140 -7.51 5.83 5.19
N ALA A 141 -7.09 5.87 3.93
CA ALA A 141 -5.66 5.78 3.64
C ALA A 141 -5.39 6.21 2.21
N ARG A 142 -4.10 6.42 1.93
CA ARG A 142 -3.57 6.61 0.60
C ARG A 142 -2.62 5.46 0.29
N LEU A 143 -2.60 5.08 -0.99
CA LEU A 143 -1.85 3.94 -1.47
C LEU A 143 -0.93 4.38 -2.61
N TYR A 144 0.33 3.99 -2.51
CA TYR A 144 1.33 4.29 -3.53
C TYR A 144 2.02 3.00 -3.92
N VAL A 145 2.21 2.79 -5.21
CA VAL A 145 2.88 1.58 -5.69
C VAL A 145 3.77 1.96 -6.85
N ALA A 146 4.94 1.30 -6.92
CA ALA A 146 5.82 1.45 -8.07
C ALA A 146 6.19 0.06 -8.57
N PHE A 147 6.35 -0.06 -9.89
CA PHE A 147 6.80 -1.33 -10.46
C PHE A 147 8.33 -1.38 -10.48
N VAL A 148 8.87 -2.58 -10.28
CA VAL A 148 10.30 -2.83 -10.18
C VAL A 148 10.67 -3.91 -11.18
N ALA A 149 11.64 -3.63 -12.03
CA ALA A 149 12.24 -4.68 -12.84
C ALA A 149 13.21 -5.45 -11.95
N THR A 150 12.92 -6.73 -11.76
CA THR A 150 13.76 -7.64 -11.01
C THR A 150 14.52 -8.58 -11.89
N GLY A 151 14.39 -8.46 -13.21
CA GLY A 151 15.14 -9.23 -14.17
C GLY A 151 14.78 -8.73 -15.56
N ARG A 152 15.40 -9.35 -16.54
CA ARG A 152 15.24 -8.92 -17.93
C ARG A 152 13.78 -9.04 -18.38
N LEU A 153 13.29 -7.97 -19.02
CA LEU A 153 11.91 -7.89 -19.52
C LEU A 153 11.85 -8.07 -21.03
N PRO A 154 10.96 -8.90 -21.55
CA PRO A 154 10.77 -8.94 -23.00
C PRO A 154 10.03 -7.71 -23.51
N ASN A 155 10.19 -7.47 -24.81
CA ASN A 155 9.46 -6.41 -25.48
C ASN A 155 7.99 -6.79 -25.57
N GLY A 156 7.15 -5.78 -25.53
CA GLY A 156 5.74 -5.96 -25.85
C GLY A 156 4.85 -5.83 -24.63
N TYR A 157 3.62 -6.29 -24.78
CA TYR A 157 2.67 -6.21 -23.69
C TYR A 157 2.83 -7.36 -22.72
N VAL A 158 2.59 -7.07 -21.44
CA VAL A 158 2.64 -8.05 -20.37
C VAL A 158 1.42 -7.86 -19.47
N THR A 159 0.70 -8.95 -19.17
CA THR A 159 -0.45 -8.85 -18.30
C THR A 159 -0.04 -9.11 -16.85
N ILE A 160 -0.45 -8.20 -15.98
CA ILE A 160 -0.32 -8.35 -14.53
C ILE A 160 -1.66 -8.83 -13.98
N PRO A 161 -1.72 -9.96 -13.29
CA PRO A 161 -2.99 -10.34 -12.68
C PRO A 161 -3.37 -9.39 -11.55
N THR A 162 -4.65 -9.39 -11.19
CA THR A 162 -5.05 -8.68 -9.99
C THR A 162 -4.44 -9.40 -8.80
N LYS A 163 -3.84 -8.63 -7.89
CA LYS A 163 -3.13 -9.16 -6.74
C LYS A 163 -3.65 -8.50 -5.48
N GLN A 164 -3.79 -9.28 -4.40
CA GLN A 164 -4.00 -8.71 -3.08
C GLN A 164 -2.62 -8.43 -2.49
N LEU A 165 -2.27 -7.15 -2.42
CA LEU A 165 -0.98 -6.76 -1.85
C LEU A 165 -0.90 -7.09 -0.37
N GLY A 166 -2.03 -7.04 0.33
CA GLY A 166 -2.04 -7.30 1.76
C GLY A 166 -3.37 -6.87 2.32
N HIS A 167 -3.41 -6.66 3.63
CA HIS A 167 -4.63 -6.25 4.29
C HIS A 167 -4.31 -5.25 5.39
N ILE A 168 -5.30 -4.41 5.70
CA ILE A 168 -5.23 -3.49 6.83
C ILE A 168 -6.11 -4.05 7.92
N LEU A 169 -5.53 -4.21 9.11
CA LEU A 169 -6.27 -4.57 10.30
C LEU A 169 -6.67 -3.29 11.02
N LEU A 170 -7.96 -3.18 11.36
CA LEU A 170 -8.43 -2.06 12.14
C LEU A 170 -8.18 -2.34 13.62
N GLU A 171 -7.47 -1.46 14.30
CA GLU A 171 -7.26 -1.54 15.74
C GLU A 171 -7.82 -0.29 16.39
N SER A 172 -8.24 -0.43 17.65
CA SER A 172 -8.88 0.67 18.35
C SER A 172 -8.60 0.50 19.84
N ASN A 173 -8.66 1.61 20.57
CA ASN A 173 -8.57 1.53 22.03
C ASN A 173 -9.94 1.22 22.64
N ARG A 174 -10.97 1.07 21.82
CA ARG A 174 -12.25 0.53 22.28
C ARG A 174 -12.27 -0.97 22.01
N ALA A 175 -12.29 -1.74 23.09
CA ALA A 175 -12.15 -3.20 23.00
C ALA A 175 -13.18 -3.82 22.08
N SER A 176 -14.44 -3.41 22.20
CA SER A 176 -15.50 -4.04 21.43
C SER A 176 -15.26 -3.89 19.94
N LEU A 177 -14.64 -2.79 19.55
CA LEU A 177 -14.33 -2.56 18.14
C LEU A 177 -13.04 -3.27 17.77
N ASN A 178 -12.03 -3.17 18.63
CA ASN A 178 -10.76 -3.83 18.38
C ASN A 178 -10.96 -5.33 18.23
N ASN A 179 -11.81 -5.91 19.06
CA ASN A 179 -11.91 -7.37 19.08
C ASN A 179 -12.67 -7.93 17.89
N LYS A 180 -13.29 -7.08 17.07
CA LYS A 180 -13.88 -7.55 15.81
C LYS A 180 -12.82 -7.92 14.80
N ARG A 181 -11.62 -7.40 14.96
CA ARG A 181 -10.49 -7.63 14.04
CA ARG A 181 -10.50 -7.64 14.04
C ARG A 181 -10.92 -7.45 12.57
N LEU A 182 -11.57 -6.31 12.31
CA LEU A 182 -11.98 -5.98 10.96
C LEU A 182 -10.75 -5.87 10.08
N THR A 183 -10.85 -6.41 8.86
CA THR A 183 -9.75 -6.33 7.91
C THR A 183 -10.26 -5.92 6.54
N ALA A 184 -9.47 -5.06 5.86
CA ALA A 184 -9.77 -4.56 4.55
C ALA A 184 -8.66 -4.93 3.58
N PRO A 185 -9.00 -5.41 2.40
CA PRO A 185 -7.94 -5.74 1.45
C PRO A 185 -7.37 -4.52 0.77
N VAL A 186 -6.06 -4.63 0.45
CA VAL A 186 -5.30 -3.64 -0.30
C VAL A 186 -4.98 -4.29 -1.63
N MET A 187 -5.53 -3.76 -2.70
CA MET A 187 -5.58 -4.46 -3.97
C MET A 187 -4.75 -3.77 -5.04
N LEU A 188 -4.04 -4.57 -5.82
CA LEU A 188 -3.41 -4.13 -7.06
C LEU A 188 -4.32 -4.63 -8.18
N ASN A 189 -5.09 -3.72 -8.75
CA ASN A 189 -5.94 -4.10 -9.86
C ASN A 189 -5.09 -4.46 -11.07
N GLY A 190 -5.33 -5.63 -11.64
CA GLY A 190 -4.51 -6.11 -12.72
C GLY A 190 -4.70 -5.29 -13.97
N GLY A 191 -3.86 -5.58 -14.94
CA GLY A 191 -3.88 -4.82 -16.17
C GLY A 191 -2.73 -5.19 -17.08
N ARG A 192 -2.46 -4.31 -18.01
CA ARG A 192 -1.46 -4.55 -19.04
C ARG A 192 -0.40 -3.48 -18.96
N ILE A 193 0.88 -3.87 -18.99
CA ILE A 193 1.95 -2.90 -19.12
C ILE A 193 2.63 -3.16 -20.47
N GLN A 194 3.37 -2.18 -20.93
CA GLN A 194 4.09 -2.29 -22.19
C GLN A 194 5.56 -1.97 -21.96
N VAL A 195 6.40 -2.83 -22.51
CA VAL A 195 7.85 -2.63 -22.54
C VAL A 195 8.24 -2.34 -23.97
N GLN A 196 8.98 -1.27 -24.18
CA GLN A 196 9.57 -0.98 -25.49
C GLN A 196 11.07 -1.15 -25.26
N SER A 197 11.60 -2.28 -25.68
CA SER A 197 13.02 -2.57 -25.55
C SER A 197 13.64 -2.14 -26.87
N LEU A 198 14.36 -1.03 -26.85
CA LEU A 198 14.93 -0.48 -28.06
C LEU A 198 16.12 -1.30 -28.52
CL CL B . 9.21 7.86 -0.36
CL CL C . -10.03 2.60 -3.45
CL CL D . -13.00 8.18 -0.70
CL CL E . -3.24 -12.43 -4.85
CL CL F . -13.43 -0.01 25.77
#